data_5L7Y
#
_entry.id   5L7Y
#
_cell.length_a   91.571
_cell.length_b   91.571
_cell.length_c   132.518
_cell.angle_alpha   90.00
_cell.angle_beta   90.00
_cell.angle_gamma   90.00
#
_symmetry.space_group_name_H-M   'I 4 2 2'
#
loop_
_entity.id
_entity.type
_entity.pdbx_description
1 polymer '17-beta-hydroxysteroid dehydrogenase 14'
2 non-polymer NICOTINAMIDE-ADENINE-DINUCLEOTIDE
3 non-polymer 'SODIUM ION'
4 non-polymer (4-fluoranyl-3-oxidanyl-phenyl)-[6-(2-fluoranyl-3-oxidanyl-phenyl)pyridin-2-yl]methanone
5 water water
#
_entity_poly.entity_id   1
_entity_poly.type   'polypeptide(L)'
_entity_poly.pdbx_seq_one_letter_code
;GHMATGTRYAGKVVVVTGGGRGIGAGIVRAFVNSGARVVICDKDESGGRALEQELPGAVFILCDVTQEDDVKTLVSETIR
RFGRLDCVVNNAGHHPPPQRPEETSAQGFRQLLELNLLGTYTLTKLALPYLRKSQGNVINISSLVGAIGQAQAVPYVATK
GAVTAMTKALALDESPYGVRVNCISPGNIWTPLWEELAALMPDPRATIREGMLAQPLGRMGQPAEVGAAAVFLASEANFC
TGIELLVTGGAELGYGCKASRSTPVDAPDIPSGS
;
_entity_poly.pdbx_strand_id   A
#
# COMPACT_ATOMS: atom_id res chain seq x y z
N GLY A 6 -8.93 18.16 -11.03
CA GLY A 6 -9.29 16.97 -11.78
C GLY A 6 -10.73 16.57 -11.53
N THR A 7 -11.28 15.74 -12.41
CA THR A 7 -12.66 15.29 -12.25
C THR A 7 -12.85 13.78 -12.33
N ARG A 8 -11.78 13.01 -12.55
CA ARG A 8 -11.89 11.56 -12.68
C ARG A 8 -12.52 10.92 -11.45
N TYR A 9 -12.27 11.44 -10.25
CA TYR A 9 -12.81 10.85 -9.03
C TYR A 9 -13.42 11.94 -8.15
N ALA A 10 -14.03 12.92 -8.81
CA ALA A 10 -14.69 14.02 -8.12
C ALA A 10 -15.87 13.53 -7.29
N GLY A 11 -16.05 14.15 -6.13
CA GLY A 11 -17.15 13.81 -5.25
C GLY A 11 -16.93 12.55 -4.44
N LYS A 12 -15.77 11.92 -4.56
CA LYS A 12 -15.46 10.67 -3.88
C LYS A 12 -14.60 10.96 -2.65
N VAL A 13 -14.68 10.05 -1.69
CA VAL A 13 -13.94 10.15 -0.43
C VAL A 13 -13.03 8.93 -0.30
N VAL A 14 -11.75 9.17 -0.05
CA VAL A 14 -10.73 8.13 -0.05
C VAL A 14 -9.96 8.17 1.27
N VAL A 15 -9.69 7.01 1.85
CA VAL A 15 -8.82 6.86 3.00
C VAL A 15 -7.54 6.16 2.55
N VAL A 16 -6.39 6.75 2.85
CA VAL A 16 -5.08 6.19 2.52
C VAL A 16 -4.32 5.97 3.82
N THR A 17 -4.03 4.71 4.16
CA THR A 17 -3.26 4.44 5.36
C THR A 17 -1.77 4.56 5.05
N GLY A 18 -1.02 4.95 6.07
CA GLY A 18 0.39 5.27 5.85
C GLY A 18 0.58 6.34 4.81
N GLY A 19 -0.31 7.31 4.75
CA GLY A 19 -0.24 8.37 3.75
C GLY A 19 0.69 9.53 4.04
N GLY A 20 1.44 9.46 5.14
CA GLY A 20 2.27 10.60 5.51
C GLY A 20 3.53 10.79 4.68
N ARG A 21 4.03 9.73 4.05
CA ARG A 21 5.28 9.82 3.30
C ARG A 21 5.28 8.69 2.28
N GLY A 22 6.30 8.72 1.42
CA GLY A 22 6.58 7.59 0.56
C GLY A 22 5.45 7.31 -0.41
N ILE A 23 5.20 6.01 -0.64
CA ILE A 23 4.16 5.60 -1.58
C ILE A 23 2.81 6.17 -1.15
N GLY A 24 2.49 6.08 0.13
CA GLY A 24 1.19 6.56 0.60
C GLY A 24 0.97 8.03 0.26
N ALA A 25 1.98 8.87 0.49
CA ALA A 25 1.85 10.29 0.14
C ALA A 25 1.65 10.49 -1.36
N GLY A 26 2.36 9.70 -2.18
CA GLY A 26 2.12 9.75 -3.61
C GLY A 26 0.68 9.40 -3.99
N ILE A 27 0.12 8.38 -3.35
CA ILE A 27 -1.26 7.99 -3.58
C ILE A 27 -2.22 9.10 -3.13
N VAL A 28 -1.99 9.69 -1.96
CA VAL A 28 -2.78 10.82 -1.50
C VAL A 28 -2.81 11.91 -2.56
N ARG A 29 -1.62 12.33 -3.01
CA ARG A 29 -1.53 13.38 -4.02
C ARG A 29 -2.26 13.01 -5.30
N ALA A 30 -2.12 11.76 -5.76
CA ALA A 30 -2.81 11.36 -6.99
C ALA A 30 -4.32 11.52 -6.85
N PHE A 31 -4.88 11.12 -5.71
CA PHE A 31 -6.33 11.18 -5.53
C PHE A 31 -6.81 12.61 -5.38
N VAL A 32 -6.06 13.45 -4.68
CA VAL A 32 -6.39 14.87 -4.59
C VAL A 32 -6.42 15.47 -6.00
N ASN A 33 -5.41 15.17 -6.81
CA ASN A 33 -5.35 15.67 -8.17
C ASN A 33 -6.49 15.17 -9.02
N SER A 34 -7.10 14.05 -8.65
CA SER A 34 -8.22 13.54 -9.40
C SER A 34 -9.57 14.06 -8.90
N GLY A 35 -9.58 14.95 -7.91
CA GLY A 35 -10.82 15.58 -7.45
C GLY A 35 -11.41 15.01 -6.18
N ALA A 36 -10.83 13.95 -5.64
CA ALA A 36 -11.33 13.33 -4.44
C ALA A 36 -10.94 14.12 -3.20
N ARG A 37 -11.72 13.94 -2.14
CA ARG A 37 -11.31 14.30 -0.79
C ARG A 37 -10.61 13.11 -0.15
N VAL A 38 -9.50 13.36 0.55
CA VAL A 38 -8.64 12.28 1.02
C VAL A 38 -8.40 12.43 2.51
N VAL A 39 -8.55 11.32 3.24
CA VAL A 39 -8.17 11.21 4.63
C VAL A 39 -6.80 10.53 4.69
N ILE A 40 -5.81 11.25 5.22
CA ILE A 40 -4.46 10.74 5.41
C ILE A 40 -4.42 10.07 6.78
N CYS A 41 -4.28 8.75 6.82
CA CYS A 41 -4.10 8.02 8.06
C CYS A 41 -2.63 7.73 8.20
N ASP A 42 -2.07 7.96 9.37
CA ASP A 42 -0.69 7.60 9.66
C ASP A 42 -0.49 7.54 11.18
N LYS A 43 0.44 6.68 11.61
CA LYS A 43 0.78 6.61 13.03
C LYS A 43 1.73 7.71 13.45
N ASP A 44 2.44 8.33 12.53
N ASP A 44 2.41 8.35 12.51
CA ASP A 44 3.32 9.44 12.84
CA ASP A 44 3.34 9.44 12.75
C ASP A 44 2.71 10.73 12.31
C ASP A 44 2.72 10.75 12.29
N GLU A 45 2.86 11.80 13.09
CA GLU A 45 2.22 13.08 12.77
C GLU A 45 2.98 13.92 11.75
N SER A 46 4.30 13.80 11.67
CA SER A 46 5.10 14.85 11.04
C SER A 46 4.75 15.02 9.55
N GLY A 47 4.81 13.94 8.77
CA GLY A 47 4.54 14.04 7.35
C GLY A 47 3.09 14.37 7.05
N GLY A 48 2.16 13.65 7.70
CA GLY A 48 0.77 13.80 7.37
C GLY A 48 0.20 15.15 7.73
N ARG A 49 0.65 15.71 8.85
CA ARG A 49 0.18 17.03 9.25
C ARG A 49 0.59 18.08 8.22
N ALA A 50 1.84 18.00 7.77
CA ALA A 50 2.31 18.93 6.75
C ALA A 50 1.53 18.76 5.47
N LEU A 51 1.26 17.50 5.09
CA LEU A 51 0.52 17.22 3.86
C LEU A 51 -0.88 17.80 3.91
N GLU A 52 -1.54 17.70 5.06
CA GLU A 52 -2.86 18.32 5.21
C GLU A 52 -2.79 19.81 4.97
N GLN A 53 -1.78 20.48 5.54
CA GLN A 53 -1.62 21.92 5.30
C GLN A 53 -1.35 22.19 3.83
N GLU A 54 -0.57 21.31 3.19
CA GLU A 54 -0.17 21.54 1.82
C GLU A 54 -1.34 21.40 0.85
N LEU A 55 -2.19 20.38 1.06
CA LEU A 55 -3.15 19.94 0.03
C LEU A 55 -4.57 20.30 0.41
N PRO A 56 -5.21 21.22 -0.31
CA PRO A 56 -6.65 21.40 -0.11
C PRO A 56 -7.37 20.13 -0.53
N GLY A 57 -8.29 19.70 0.29
CA GLY A 57 -8.98 18.45 0.03
C GLY A 57 -8.40 17.23 0.73
N ALA A 58 -7.23 17.35 1.37
CA ALA A 58 -6.67 16.29 2.21
C ALA A 58 -6.67 16.73 3.67
N VAL A 59 -7.06 15.81 4.55
CA VAL A 59 -7.02 16.04 5.99
C VAL A 59 -6.32 14.85 6.63
N PHE A 60 -5.74 15.09 7.79
CA PHE A 60 -4.91 14.12 8.49
C PHE A 60 -5.63 13.59 9.73
N ILE A 61 -5.66 12.27 9.88
CA ILE A 61 -6.18 11.63 11.09
C ILE A 61 -5.10 10.68 11.63
N LEU A 62 -4.63 10.97 12.84
CA LEU A 62 -3.68 10.11 13.50
C LEU A 62 -4.33 8.77 13.79
N CYS A 63 -3.72 7.70 13.31
CA CYS A 63 -4.31 6.38 13.47
C CYS A 63 -3.26 5.32 13.21
N ASP A 64 -3.10 4.41 14.17
CA ASP A 64 -2.20 3.26 14.07
C ASP A 64 -3.05 2.07 13.66
N VAL A 65 -2.85 1.57 12.45
CA VAL A 65 -3.76 0.58 11.91
C VAL A 65 -3.72 -0.74 12.69
N THR A 66 -2.72 -0.94 13.56
CA THR A 66 -2.73 -2.13 14.40
C THR A 66 -3.58 -1.98 15.66
N GLN A 67 -4.22 -0.83 15.84
CA GLN A 67 -5.01 -0.55 17.03
C GLN A 67 -6.46 -0.42 16.60
N GLU A 68 -7.27 -1.42 16.97
CA GLU A 68 -8.61 -1.53 16.40
C GLU A 68 -9.46 -0.32 16.72
N ASP A 69 -9.30 0.26 17.90
CA ASP A 69 -10.06 1.45 18.26
C ASP A 69 -9.59 2.69 17.48
N ASP A 70 -8.30 2.79 17.16
CA ASP A 70 -7.85 3.81 16.22
C ASP A 70 -8.58 3.68 14.90
N VAL A 71 -8.69 2.45 14.39
CA VAL A 71 -9.27 2.26 13.07
C VAL A 71 -10.77 2.52 13.10
N LYS A 72 -11.44 2.10 14.17
CA LYS A 72 -12.88 2.39 14.26
C LYS A 72 -13.13 3.89 14.24
N THR A 73 -12.32 4.64 14.96
CA THR A 73 -12.44 6.09 14.99
C THR A 73 -12.08 6.70 13.66
N LEU A 74 -11.10 6.14 12.95
CA LEU A 74 -10.77 6.64 11.62
C LEU A 74 -11.98 6.54 10.70
N VAL A 75 -12.67 5.40 10.71
CA VAL A 75 -13.82 5.24 9.84
C VAL A 75 -14.95 6.17 10.28
N SER A 76 -15.26 6.23 11.56
CA SER A 76 -16.39 7.05 11.96
C SER A 76 -16.11 8.54 11.78
N GLU A 77 -14.88 8.98 12.01
CA GLU A 77 -14.54 10.38 11.73
C GLU A 77 -14.64 10.69 10.24
N THR A 78 -14.24 9.76 9.38
CA THR A 78 -14.34 9.99 7.94
C THR A 78 -15.79 10.20 7.53
N ILE A 79 -16.69 9.34 8.02
CA ILE A 79 -18.11 9.44 7.71
C ILE A 79 -18.72 10.70 8.33
N ARG A 80 -18.35 11.01 9.58
CA ARG A 80 -18.88 12.21 10.21
C ARG A 80 -18.48 13.46 9.44
N ARG A 81 -17.25 13.51 8.96
CA ARG A 81 -16.77 14.74 8.33
C ARG A 81 -17.12 14.85 6.85
N PHE A 82 -17.26 13.75 6.13
CA PHE A 82 -17.46 13.80 4.69
C PHE A 82 -18.70 13.06 4.19
N GLY A 83 -19.37 12.29 5.04
CA GLY A 83 -20.67 11.75 4.68
C GLY A 83 -20.70 10.51 3.80
N ARG A 84 -19.57 9.96 3.41
CA ARG A 84 -19.49 8.76 2.57
C ARG A 84 -18.05 8.25 2.56
N LEU A 85 -17.87 7.04 2.05
CA LEU A 85 -16.54 6.46 1.89
C LEU A 85 -16.55 5.61 0.64
N ASP A 86 -15.68 5.95 -0.31
CA ASP A 86 -15.67 5.31 -1.63
C ASP A 86 -14.47 4.40 -1.89
N CYS A 87 -13.34 4.64 -1.23
CA CYS A 87 -12.15 3.84 -1.50
C CYS A 87 -11.29 3.82 -0.25
N VAL A 88 -10.76 2.63 0.05
CA VAL A 88 -9.77 2.46 1.10
C VAL A 88 -8.49 1.92 0.44
N VAL A 89 -7.37 2.60 0.68
CA VAL A 89 -6.07 2.20 0.16
C VAL A 89 -5.24 1.76 1.38
N ASN A 90 -4.99 0.45 1.46
CA ASN A 90 -4.25 -0.17 2.57
C ASN A 90 -2.78 -0.21 2.18
N ASN A 91 -2.09 0.88 2.49
CA ASN A 91 -0.69 1.09 2.12
C ASN A 91 0.26 0.93 3.29
N ALA A 92 -0.17 1.26 4.49
CA ALA A 92 0.67 1.12 5.68
C ALA A 92 1.29 -0.26 5.75
N GLY A 93 2.58 -0.30 6.02
CA GLY A 93 3.34 -1.55 6.04
C GLY A 93 4.79 -1.23 6.27
N HIS A 94 5.58 -2.29 6.48
CA HIS A 94 6.98 -2.14 6.86
C HIS A 94 7.80 -3.29 6.28
N HIS A 95 9.03 -2.97 5.86
CA HIS A 95 10.00 -3.98 5.46
C HIS A 95 11.12 -3.97 6.48
N PRO A 96 11.28 -5.03 7.27
CA PRO A 96 12.39 -5.09 8.23
C PRO A 96 13.72 -5.16 7.52
N PRO A 97 14.82 -4.91 8.21
CA PRO A 97 16.13 -5.09 7.60
C PRO A 97 16.33 -6.53 7.16
N PRO A 98 17.26 -6.77 6.24
CA PRO A 98 17.55 -8.14 5.82
C PRO A 98 17.81 -9.03 7.03
N GLN A 99 17.19 -10.20 7.02
CA GLN A 99 17.35 -11.13 8.13
C GLN A 99 17.40 -12.53 7.57
N ARG A 100 18.46 -13.26 7.92
CA ARG A 100 18.55 -14.66 7.55
C ARG A 100 17.45 -15.44 8.28
N PRO A 101 16.96 -16.53 7.68
CA PRO A 101 15.87 -17.26 8.31
C PRO A 101 16.14 -17.60 9.77
N GLU A 102 17.35 -18.03 10.09
CA GLU A 102 17.65 -18.40 11.46
C GLU A 102 17.74 -17.19 12.39
N GLU A 103 17.78 -15.99 11.84
CA GLU A 103 17.80 -14.78 12.64
C GLU A 103 16.41 -14.23 12.90
N THR A 104 15.36 -14.84 12.33
CA THR A 104 14.00 -14.41 12.56
C THR A 104 13.44 -15.09 13.80
N SER A 105 12.31 -14.59 14.27
CA SER A 105 11.61 -15.19 15.38
C SER A 105 10.12 -15.22 15.08
N ALA A 106 9.44 -16.19 15.70
CA ALA A 106 8.00 -16.28 15.58
C ALA A 106 7.35 -14.99 16.06
N GLN A 107 7.89 -14.36 17.10
CA GLN A 107 7.20 -13.19 17.63
C GLN A 107 7.40 -11.98 16.71
N GLY A 108 8.59 -11.82 16.14
CA GLY A 108 8.79 -10.78 15.14
C GLY A 108 7.91 -10.99 13.92
N PHE A 109 7.75 -12.26 13.51
CA PHE A 109 6.87 -12.62 12.40
C PHE A 109 5.42 -12.21 12.72
N ARG A 110 4.95 -12.55 13.92
CA ARG A 110 3.62 -12.15 14.35
C ARG A 110 3.45 -10.64 14.30
N GLN A 111 4.45 -9.89 14.77
CA GLN A 111 4.32 -8.44 14.79
C GLN A 111 4.27 -7.89 13.38
N LEU A 112 5.05 -8.45 12.46
CA LEU A 112 4.98 -7.99 11.09
C LEU A 112 3.66 -8.36 10.44
N LEU A 113 3.14 -9.57 10.71
CA LEU A 113 1.80 -9.92 10.27
C LEU A 113 0.76 -8.95 10.80
N GLU A 114 0.92 -8.53 12.05
CA GLU A 114 -0.05 -7.62 12.65
C GLU A 114 -0.17 -6.33 11.84
N LEU A 115 0.95 -5.80 11.35
CA LEU A 115 0.89 -4.56 10.57
C LEU A 115 0.54 -4.81 9.11
N ASN A 116 1.34 -5.62 8.42
CA ASN A 116 1.21 -5.75 6.97
C ASN A 116 -0.07 -6.47 6.55
N LEU A 117 -0.57 -7.37 7.38
CA LEU A 117 -1.73 -8.14 7.01
C LEU A 117 -2.97 -7.78 7.82
N LEU A 118 -2.90 -7.89 9.14
CA LEU A 118 -4.11 -7.70 9.93
C LEU A 118 -4.54 -6.23 9.96
N GLY A 119 -3.60 -5.29 9.81
CA GLY A 119 -4.01 -3.89 9.71
C GLY A 119 -4.86 -3.64 8.49
N THR A 120 -4.44 -4.18 7.36
CA THR A 120 -5.24 -4.16 6.14
C THR A 120 -6.59 -4.86 6.34
N TYR A 121 -6.59 -5.99 7.02
CA TYR A 121 -7.85 -6.70 7.25
C TYR A 121 -8.82 -5.87 8.08
N THR A 122 -8.34 -5.25 9.15
CA THR A 122 -9.20 -4.59 10.10
C THR A 122 -9.88 -3.35 9.48
N LEU A 123 -9.11 -2.51 8.80
CA LEU A 123 -9.72 -1.34 8.16
C LEU A 123 -10.71 -1.75 7.10
N THR A 124 -10.32 -2.73 6.27
CA THR A 124 -11.22 -3.20 5.24
C THR A 124 -12.54 -3.66 5.86
N LYS A 125 -12.47 -4.47 6.91
CA LYS A 125 -13.67 -4.98 7.55
C LYS A 125 -14.57 -3.84 8.04
N LEU A 126 -13.98 -2.84 8.70
CA LEU A 126 -14.81 -1.77 9.25
C LEU A 126 -15.34 -0.85 8.15
N ALA A 127 -14.65 -0.74 7.03
CA ALA A 127 -15.07 0.11 5.93
C ALA A 127 -16.12 -0.52 5.05
N LEU A 128 -16.20 -1.85 5.03
CA LEU A 128 -17.00 -2.49 3.99
C LEU A 128 -18.47 -2.11 4.04
N PRO A 129 -19.12 -1.96 5.20
CA PRO A 129 -20.53 -1.50 5.18
C PRO A 129 -20.73 -0.20 4.40
N TYR A 130 -19.80 0.75 4.55
CA TYR A 130 -19.87 2.02 3.82
C TYR A 130 -19.49 1.84 2.35
N LEU A 131 -18.49 1.00 2.05
CA LEU A 131 -18.14 0.74 0.66
C LEU A 131 -19.29 0.06 -0.07
N ARG A 132 -20.03 -0.80 0.62
CA ARG A 132 -21.17 -1.45 -0.02
C ARG A 132 -22.23 -0.44 -0.43
N LYS A 133 -22.54 0.52 0.45
CA LYS A 133 -23.52 1.55 0.11
C LYS A 133 -23.09 2.36 -1.08
N SER A 134 -21.79 2.66 -1.19
CA SER A 134 -21.28 3.54 -2.23
C SER A 134 -20.83 2.81 -3.47
N GLN A 135 -20.93 1.49 -3.50
CA GLN A 135 -20.26 0.64 -4.50
C GLN A 135 -18.81 1.09 -4.71
N GLY A 136 -18.14 1.31 -3.59
CA GLY A 136 -16.76 1.70 -3.56
C GLY A 136 -15.84 0.51 -3.82
N ASN A 137 -14.57 0.69 -3.47
CA ASN A 137 -13.57 -0.34 -3.75
C ASN A 137 -12.41 -0.27 -2.76
N VAL A 138 -11.68 -1.38 -2.70
CA VAL A 138 -10.51 -1.57 -1.87
C VAL A 138 -9.29 -1.75 -2.74
N ILE A 139 -8.20 -1.06 -2.38
CA ILE A 139 -6.90 -1.22 -3.02
C ILE A 139 -5.87 -1.56 -1.94
N ASN A 140 -5.29 -2.75 -2.03
CA ASN A 140 -4.23 -3.17 -1.12
C ASN A 140 -2.85 -3.02 -1.79
N ILE A 141 -1.90 -2.44 -1.07
CA ILE A 141 -0.53 -2.30 -1.55
C ILE A 141 0.22 -3.54 -1.08
N SER A 142 0.46 -4.45 -2.00
CA SER A 142 1.17 -5.69 -1.70
C SER A 142 2.65 -5.50 -2.06
N SER A 143 3.29 -6.44 -2.75
CA SER A 143 4.65 -6.34 -3.22
C SER A 143 4.90 -7.44 -4.25
N LEU A 144 5.72 -7.11 -5.25
CA LEU A 144 6.22 -8.12 -6.17
C LEU A 144 6.83 -9.30 -5.45
N VAL A 145 7.51 -9.08 -4.33
CA VAL A 145 8.23 -10.20 -3.71
C VAL A 145 7.29 -11.21 -3.08
N GLY A 146 6.03 -10.86 -2.82
CA GLY A 146 5.03 -11.86 -2.48
C GLY A 146 4.86 -12.92 -3.56
N ALA A 147 4.98 -12.51 -4.83
CA ALA A 147 4.81 -13.42 -5.95
C ALA A 147 6.08 -14.19 -6.31
N ILE A 148 7.25 -13.56 -6.24
CA ILE A 148 8.50 -14.13 -6.77
C ILE A 148 9.51 -14.45 -5.69
N GLY A 149 9.28 -14.02 -4.45
CA GLY A 149 10.21 -14.24 -3.37
C GLY A 149 11.30 -13.16 -3.33
N GLN A 150 12.02 -13.15 -2.21
CA GLN A 150 13.13 -12.23 -1.95
C GLN A 150 14.02 -12.91 -0.95
N ALA A 151 15.32 -12.63 -1.01
CA ALA A 151 16.26 -13.19 -0.05
C ALA A 151 16.29 -12.36 1.22
N GLN A 152 16.55 -13.05 2.34
CA GLN A 152 16.66 -12.47 3.69
C GLN A 152 15.42 -11.66 4.10
N ALA A 153 14.23 -12.24 3.84
CA ALA A 153 12.96 -11.60 4.12
C ALA A 153 11.79 -12.57 4.21
N VAL A 154 11.98 -13.70 4.89
CA VAL A 154 10.92 -14.70 5.00
C VAL A 154 9.64 -14.08 5.58
N PRO A 155 9.68 -13.39 6.72
CA PRO A 155 8.43 -12.83 7.24
C PRO A 155 7.78 -11.82 6.28
N TYR A 156 8.55 -10.88 5.76
CA TYR A 156 7.97 -9.87 4.87
C TYR A 156 7.31 -10.51 3.65
N VAL A 157 8.05 -11.39 2.96
CA VAL A 157 7.51 -12.07 1.78
C VAL A 157 6.20 -12.78 2.13
N ALA A 158 6.18 -13.46 3.28
CA ALA A 158 4.99 -14.19 3.71
C ALA A 158 3.80 -13.23 3.90
N THR A 159 4.03 -12.07 4.52
CA THR A 159 2.92 -11.13 4.75
C THR A 159 2.32 -10.64 3.42
N LYS A 160 3.17 -10.41 2.43
CA LYS A 160 2.68 -9.90 1.15
C LYS A 160 2.05 -11.00 0.29
N GLY A 161 2.56 -12.24 0.38
CA GLY A 161 1.83 -13.34 -0.22
C GLY A 161 0.43 -13.44 0.34
N ALA A 162 0.28 -13.23 1.65
CA ALA A 162 -1.03 -13.25 2.28
C ALA A 162 -1.92 -12.11 1.78
N VAL A 163 -1.38 -10.89 1.68
CA VAL A 163 -2.18 -9.75 1.24
C VAL A 163 -2.73 -9.99 -0.17
N THR A 164 -1.88 -10.49 -1.07
CA THR A 164 -2.29 -10.69 -2.45
C THR A 164 -3.38 -11.75 -2.53
N ALA A 165 -3.20 -12.86 -1.81
CA ALA A 165 -4.21 -13.92 -1.79
C ALA A 165 -5.51 -13.44 -1.15
N MET A 166 -5.40 -12.75 -0.01
CA MET A 166 -6.58 -12.19 0.65
C MET A 166 -7.38 -11.30 -0.29
N THR A 167 -6.68 -10.51 -1.13
CA THR A 167 -7.33 -9.61 -2.07
C THR A 167 -8.27 -10.39 -2.98
N LYS A 168 -7.83 -11.55 -3.46
CA LYS A 168 -8.65 -12.38 -4.33
C LYS A 168 -9.84 -12.99 -3.58
N ALA A 169 -9.60 -13.51 -2.38
CA ALA A 169 -10.69 -14.04 -1.57
C ALA A 169 -11.77 -12.99 -1.34
N LEU A 170 -11.34 -11.80 -0.92
CA LEU A 170 -12.30 -10.75 -0.61
C LEU A 170 -13.03 -10.29 -1.86
N ALA A 171 -12.33 -10.20 -2.98
CA ALA A 171 -12.98 -9.86 -4.24
C ALA A 171 -14.14 -10.82 -4.52
N LEU A 172 -13.90 -12.12 -4.31
CA LEU A 172 -14.97 -13.08 -4.50
C LEU A 172 -16.14 -12.79 -3.57
N ASP A 173 -15.86 -12.56 -2.30
CA ASP A 173 -16.94 -12.38 -1.33
C ASP A 173 -17.74 -11.11 -1.60
N GLU A 174 -17.07 -10.05 -2.04
CA GLU A 174 -17.73 -8.74 -2.16
C GLU A 174 -18.27 -8.48 -3.56
N SER A 175 -17.96 -9.31 -4.55
CA SER A 175 -18.48 -9.10 -5.88
C SER A 175 -20.01 -9.04 -5.95
N PRO A 176 -20.79 -9.84 -5.21
CA PRO A 176 -22.25 -9.70 -5.27
C PRO A 176 -22.72 -8.32 -4.86
N TYR A 177 -21.93 -7.60 -4.08
CA TYR A 177 -22.32 -6.28 -3.61
C TYR A 177 -21.76 -5.18 -4.49
N GLY A 178 -21.10 -5.54 -5.57
CA GLY A 178 -20.54 -4.55 -6.45
C GLY A 178 -19.30 -3.86 -5.93
N VAL A 179 -18.72 -4.35 -4.84
CA VAL A 179 -17.47 -3.80 -4.29
C VAL A 179 -16.30 -4.56 -4.90
N ARG A 180 -15.47 -3.85 -5.63
CA ARG A 180 -14.24 -4.38 -6.20
C ARG A 180 -13.11 -4.32 -5.17
N VAL A 181 -12.24 -5.33 -5.20
CA VAL A 181 -11.10 -5.45 -4.31
C VAL A 181 -9.87 -5.82 -5.16
N ASN A 182 -8.88 -4.92 -5.21
CA ASN A 182 -7.72 -5.13 -6.06
C ASN A 182 -6.45 -4.87 -5.26
N CYS A 183 -5.30 -5.30 -5.79
CA CYS A 183 -4.04 -4.94 -5.18
C CYS A 183 -3.04 -4.46 -6.22
N ILE A 184 -2.14 -3.63 -5.73
CA ILE A 184 -0.98 -3.18 -6.48
C ILE A 184 0.25 -3.84 -5.84
N SER A 185 1.09 -4.42 -6.68
CA SER A 185 2.33 -5.06 -6.26
C SER A 185 3.47 -4.23 -6.81
N PRO A 186 3.98 -3.25 -6.07
CA PRO A 186 5.16 -2.52 -6.53
C PRO A 186 6.42 -3.35 -6.43
N GLY A 187 7.39 -2.99 -7.25
CA GLY A 187 8.76 -3.42 -7.10
C GLY A 187 9.55 -2.34 -6.37
N ASN A 188 10.80 -2.11 -6.77
CA ASN A 188 11.60 -1.07 -6.12
C ASN A 188 11.01 0.30 -6.41
N ILE A 189 10.49 0.95 -5.38
CA ILE A 189 10.03 2.32 -5.44
C ILE A 189 10.90 3.15 -4.50
N TRP A 190 11.43 4.25 -5.00
CA TRP A 190 12.32 5.10 -4.20
C TRP A 190 11.49 5.87 -3.18
N THR A 191 11.63 5.49 -1.91
CA THR A 191 10.88 6.01 -0.79
C THR A 191 11.80 6.18 0.41
N PRO A 192 11.35 6.84 1.48
CA PRO A 192 12.17 6.91 2.70
C PRO A 192 12.50 5.54 3.29
N LEU A 193 11.59 4.57 3.21
CA LEU A 193 11.93 3.23 3.68
C LEU A 193 13.05 2.64 2.84
N TRP A 194 13.02 2.84 1.52
CA TRP A 194 14.12 2.33 0.71
C TRP A 194 15.43 2.96 1.15
N GLU A 195 15.42 4.26 1.41
CA GLU A 195 16.60 4.99 1.82
C GLU A 195 17.11 4.51 3.19
N GLU A 196 16.19 4.32 4.14
CA GLU A 196 16.54 3.81 5.47
C GLU A 196 17.20 2.43 5.37
N LEU A 197 16.56 1.51 4.67
CA LEU A 197 17.15 0.18 4.51
C LEU A 197 18.52 0.25 3.87
N ALA A 198 18.68 1.06 2.82
CA ALA A 198 19.98 1.13 2.16
C ALA A 198 21.05 1.65 3.11
N ALA A 199 20.70 2.61 3.96
CA ALA A 199 21.66 3.21 4.89
C ALA A 199 22.20 2.21 5.90
N LEU A 200 21.50 1.10 6.13
CA LEU A 200 21.99 0.03 7.00
C LEU A 200 23.08 -0.79 6.35
N MET A 201 23.15 -0.82 5.03
CA MET A 201 24.04 -1.73 4.34
C MET A 201 25.49 -1.26 4.46
N PRO A 202 26.43 -2.18 4.30
CA PRO A 202 27.84 -1.77 4.29
C PRO A 202 28.13 -0.67 3.28
N ASP A 203 27.64 -0.84 2.05
CA ASP A 203 27.77 0.20 1.03
C ASP A 203 26.39 0.65 0.60
N PRO A 204 25.86 1.74 1.17
CA PRO A 204 24.55 2.24 0.72
C PRO A 204 24.49 2.59 -0.75
N ARG A 205 25.49 3.30 -1.27
CA ARG A 205 25.43 3.72 -2.67
C ARG A 205 25.37 2.52 -3.60
N ALA A 206 26.11 1.45 -3.29
CA ALA A 206 26.07 0.26 -4.12
C ALA A 206 24.73 -0.43 -4.06
N THR A 207 24.12 -0.47 -2.86
CA THR A 207 22.82 -1.11 -2.74
C THR A 207 21.79 -0.36 -3.58
N ILE A 208 21.92 0.96 -3.64
CA ILE A 208 20.97 1.77 -4.40
C ILE A 208 21.19 1.59 -5.89
N ARG A 209 22.45 1.52 -6.32
CA ARG A 209 22.73 1.25 -7.73
C ARG A 209 22.19 -0.11 -8.12
N GLU A 210 22.48 -1.13 -7.31
CA GLU A 210 21.95 -2.45 -7.58
C GLU A 210 20.43 -2.43 -7.68
N GLY A 211 19.77 -1.66 -6.80
CA GLY A 211 18.32 -1.58 -6.81
C GLY A 211 17.79 -0.92 -8.07
N MET A 212 18.46 0.13 -8.54
CA MET A 212 18.10 0.76 -9.80
C MET A 212 18.23 -0.20 -10.97
N LEU A 213 19.22 -1.08 -10.93
CA LEU A 213 19.51 -1.92 -12.08
C LEU A 213 18.75 -3.23 -12.07
N ALA A 214 18.03 -3.55 -10.99
CA ALA A 214 17.23 -4.75 -10.96
C ALA A 214 16.06 -4.68 -11.91
N GLN A 215 15.78 -3.51 -12.46
CA GLN A 215 14.66 -3.27 -13.37
C GLN A 215 15.18 -3.13 -14.78
N PRO A 216 14.61 -3.81 -15.76
CA PRO A 216 14.90 -3.47 -17.16
C PRO A 216 14.85 -1.99 -17.48
N LEU A 217 13.89 -1.24 -16.90
CA LEU A 217 13.83 0.19 -17.15
C LEU A 217 15.01 0.98 -16.57
N GLY A 218 15.84 0.40 -15.71
CA GLY A 218 17.08 1.04 -15.29
C GLY A 218 16.95 2.10 -14.22
N ARG A 219 15.80 2.18 -13.56
CA ARG A 219 15.56 3.11 -12.49
C ARG A 219 14.57 2.46 -11.54
N MET A 220 14.46 3.02 -10.35
CA MET A 220 13.37 2.67 -9.46
C MET A 220 12.11 3.44 -9.84
N GLY A 221 10.98 3.00 -9.29
CA GLY A 221 9.72 3.68 -9.54
C GLY A 221 9.50 4.82 -8.57
N GLN A 222 8.50 5.64 -8.88
CA GLN A 222 8.15 6.78 -8.06
C GLN A 222 6.82 6.56 -7.34
N PRO A 223 6.68 7.13 -6.15
CA PRO A 223 5.36 7.15 -5.51
C PRO A 223 4.25 7.62 -6.41
N ALA A 224 4.48 8.65 -7.24
CA ALA A 224 3.43 9.15 -8.13
C ALA A 224 2.97 8.08 -9.12
N GLU A 225 3.86 7.19 -9.51
CA GLU A 225 3.49 6.14 -10.44
C GLU A 225 2.62 5.09 -9.77
N VAL A 226 2.90 4.76 -8.52
CA VAL A 226 1.95 3.93 -7.78
C VAL A 226 0.63 4.67 -7.59
N GLY A 227 0.70 5.97 -7.31
CA GLY A 227 -0.52 6.74 -7.13
C GLY A 227 -1.40 6.71 -8.36
N ALA A 228 -0.80 6.85 -9.55
CA ALA A 228 -1.58 6.81 -10.79
C ALA A 228 -2.26 5.46 -10.96
N ALA A 229 -1.58 4.38 -10.61
CA ALA A 229 -2.18 3.06 -10.73
C ALA A 229 -3.34 2.92 -9.77
N ALA A 230 -3.22 3.49 -8.57
CA ALA A 230 -4.33 3.43 -7.62
C ALA A 230 -5.53 4.20 -8.13
N VAL A 231 -5.31 5.38 -8.69
CA VAL A 231 -6.43 6.15 -9.21
C VAL A 231 -7.12 5.42 -10.34
N PHE A 232 -6.35 4.79 -11.22
CA PHE A 232 -6.95 3.95 -12.26
C PHE A 232 -7.83 2.85 -11.68
N LEU A 233 -7.31 2.11 -10.71
CA LEU A 233 -8.10 1.03 -10.10
C LEU A 233 -9.38 1.58 -9.45
N ALA A 234 -9.28 2.72 -8.77
CA ALA A 234 -10.47 3.29 -8.12
C ALA A 234 -11.49 3.77 -9.15
N SER A 235 -11.02 4.53 -10.14
CA SER A 235 -11.91 5.40 -10.90
C SER A 235 -12.30 4.86 -12.26
N GLU A 236 -11.52 3.95 -12.84
CA GLU A 236 -11.73 3.54 -14.21
C GLU A 236 -11.70 2.04 -14.45
N ALA A 237 -11.26 1.23 -13.49
CA ALA A 237 -11.11 -0.21 -13.70
C ALA A 237 -12.36 -0.97 -13.25
N ASN A 238 -13.51 -0.58 -13.80
CA ASN A 238 -14.78 -1.03 -13.27
C ASN A 238 -15.08 -2.50 -13.56
N PHE A 239 -14.34 -3.13 -14.47
CA PHE A 239 -14.45 -4.57 -14.69
C PHE A 239 -13.26 -5.34 -14.11
N CYS A 240 -12.43 -4.69 -13.27
CA CYS A 240 -11.31 -5.33 -12.61
C CYS A 240 -11.64 -5.60 -11.15
N THR A 241 -11.57 -6.86 -10.74
CA THR A 241 -11.62 -7.17 -9.33
C THR A 241 -10.75 -8.40 -9.09
N GLY A 242 -10.10 -8.41 -7.94
CA GLY A 242 -9.17 -9.45 -7.60
C GLY A 242 -7.91 -9.50 -8.44
N ILE A 243 -7.51 -8.39 -9.09
CA ILE A 243 -6.29 -8.38 -9.89
C ILE A 243 -5.11 -7.93 -9.04
N GLU A 244 -3.92 -8.27 -9.51
CA GLU A 244 -2.64 -7.84 -8.97
C GLU A 244 -1.96 -7.02 -10.05
N LEU A 245 -1.96 -5.71 -9.86
CA LEU A 245 -1.39 -4.80 -10.84
C LEU A 245 0.08 -4.58 -10.51
N LEU A 246 0.95 -5.04 -11.41
CA LEU A 246 2.40 -4.96 -11.16
C LEU A 246 2.94 -3.59 -11.56
N VAL A 247 3.64 -2.94 -10.64
CA VAL A 247 4.27 -1.66 -10.91
C VAL A 247 5.74 -1.82 -10.51
N THR A 248 6.53 -2.42 -11.41
CA THR A 248 7.82 -3.00 -11.05
C THR A 248 8.95 -2.65 -12.01
N GLY A 249 8.68 -1.93 -13.09
CA GLY A 249 9.69 -1.67 -14.09
C GLY A 249 10.20 -2.89 -14.82
N GLY A 250 9.47 -4.00 -14.75
CA GLY A 250 9.85 -5.22 -15.43
C GLY A 250 10.79 -6.11 -14.66
N ALA A 251 10.94 -5.90 -13.34
CA ALA A 251 11.93 -6.64 -12.57
C ALA A 251 11.69 -8.15 -12.61
N GLU A 252 10.44 -8.57 -12.79
CA GLU A 252 10.10 -9.99 -12.78
C GLU A 252 10.39 -10.68 -14.10
N LEU A 253 10.78 -9.93 -15.13
CA LEU A 253 10.98 -10.44 -16.46
C LEU A 253 12.41 -10.98 -16.62
N GLY A 254 12.51 -12.08 -17.33
CA GLY A 254 13.79 -12.62 -17.75
C GLY A 254 14.64 -13.13 -16.61
N TYR A 255 15.84 -13.55 -16.99
CA TYR A 255 16.93 -14.02 -16.15
C TYR A 255 17.77 -12.86 -15.66
N GLY A 256 18.43 -13.08 -14.53
CA GLY A 256 19.42 -12.16 -14.00
C GLY A 256 20.43 -12.94 -13.20
N CYS A 257 21.37 -12.26 -12.57
CA CYS A 257 22.32 -12.94 -11.68
C CYS A 257 21.64 -13.24 -10.35
N LYS A 258 21.59 -14.53 -9.99
CA LYS A 258 20.99 -14.96 -8.73
C LYS A 258 21.86 -16.00 -8.04
N PRO A 271 29.22 -27.92 -15.14
CA PRO A 271 28.22 -26.89 -15.44
C PRO A 271 26.83 -27.30 -14.99
N SER A 272 26.52 -28.60 -15.14
CA SER A 272 25.28 -29.19 -14.63
C SER A 272 25.49 -30.01 -13.36
N GLY A 273 26.61 -29.81 -12.66
CA GLY A 273 26.94 -30.60 -11.47
C GLY A 273 27.08 -29.78 -10.20
#